data_2HYS
#
_entry.id   2HYS
#
_cell.length_a   34.377
_cell.length_b   34.377
_cell.length_c   257.256
_cell.angle_alpha   90.00
_cell.angle_beta   90.00
_cell.angle_gamma   90.00
#
_symmetry.space_group_name_H-M   'P 41 21 2'
#
loop_
_entity.id
_entity.type
_entity.pdbx_description
1 polymer Nitrophorin-2
2 non-polymer 'CYANIDE ION'
3 non-polymer 'PROTOPORPHYRIN IX CONTAINING FE'
4 water water
#
_entity_poly.entity_id   1
_entity_poly.type   'polypeptide(L)'
_entity_poly.pdbx_seq_one_letter_code
;MDCSTNISPKQGLDKAKYFSGKWYVTHFLDKDPQVTDQYCSSFTPRESDGTVKEALYHYNANKKTSFYNIGEGKLESSGL
QYTAKYKTVDKKKAVLKEADEKNSYTLTVLEADDSSALVHICLREGSKDLGDLYTVLTHQKDAEPSAKVKSAVTQAGLQL
SQFVGTKDLGCQYDDQFTSL
;
_entity_poly.pdbx_strand_id   A
#
loop_
_chem_comp.id
_chem_comp.type
_chem_comp.name
_chem_comp.formula
CYN non-polymer 'CYANIDE ION' 'C N -1'
HEM non-polymer 'PROTOPORPHYRIN IX CONTAINING FE' 'C34 H32 Fe N4 O4'
#
# COMPACT_ATOMS: atom_id res chain seq x y z
N MET A 1 10.35 12.66 -9.44
N MET A 1 11.27 12.98 -9.91
CA MET A 1 10.64 12.74 -7.96
CA MET A 1 11.31 12.81 -8.43
C MET A 1 11.15 11.42 -7.33
C MET A 1 12.04 11.54 -8.02
N ASP A 2 12.34 11.50 -6.74
CA ASP A 2 13.10 10.36 -6.21
C ASP A 2 12.35 9.80 -5.02
N CYS A 3 12.18 8.48 -4.99
CA CYS A 3 11.69 7.85 -3.79
C CYS A 3 12.60 8.09 -2.60
N SER A 4 12.00 8.05 -1.41
CA SER A 4 12.65 8.31 -0.14
C SER A 4 13.76 7.32 0.11
N THR A 5 14.89 7.84 0.61
CA THR A 5 16.09 6.98 0.67
C THR A 5 16.24 6.21 1.97
N ASN A 6 15.81 6.73 3.11
CA ASN A 6 16.15 5.98 4.31
C ASN A 6 14.97 5.09 4.63
N ILE A 7 14.80 4.08 3.76
CA ILE A 7 13.66 3.17 3.95
C ILE A 7 14.12 1.72 4.07
N SER A 8 13.88 1.11 5.23
CA SER A 8 14.20 -0.30 5.41
C SER A 8 13.17 -0.88 6.36
N PRO A 9 12.90 -2.20 6.25
CA PRO A 9 11.81 -2.78 7.08
C PRO A 9 12.20 -2.86 8.52
N LYS A 10 11.22 -2.71 9.39
CA LYS A 10 11.48 -2.79 10.81
C LYS A 10 11.81 -4.22 11.15
N GLN A 11 12.90 -4.41 11.89
CA GLN A 11 13.32 -5.81 12.22
C GLN A 11 12.55 -6.25 13.46
N GLY A 12 12.29 -7.54 13.57
CA GLY A 12 11.62 -8.04 14.73
C GLY A 12 10.14 -8.12 14.42
N LEU A 13 9.74 -7.58 13.25
CA LEU A 13 8.31 -7.62 12.92
C LEU A 13 7.84 -9.04 12.66
N ASP A 14 6.75 -9.40 13.33
CA ASP A 14 6.06 -10.65 13.08
C ASP A 14 5.22 -10.59 11.79
N LYS A 15 5.60 -11.44 10.82
CA LYS A 15 4.98 -11.42 9.49
C LYS A 15 3.49 -11.77 9.54
N ALA A 16 3.07 -12.50 10.57
CA ALA A 16 1.69 -12.90 10.67
C ALA A 16 0.84 -11.72 11.03
N LYS A 17 1.40 -10.64 11.60
CA LYS A 17 0.57 -9.46 11.84
C LYS A 17 0.40 -8.63 10.57
N TYR A 18 1.34 -8.71 9.64
CA TYR A 18 1.22 -7.92 8.41
C TYR A 18 0.38 -8.64 7.37
N PHE A 19 0.62 -9.95 7.22
CA PHE A 19 -0.08 -10.77 6.21
C PHE A 19 -1.31 -11.36 6.87
N SER A 20 -2.26 -10.46 7.13
CA SER A 20 -3.32 -10.65 8.10
C SER A 20 -4.51 -9.86 7.63
N GLY A 21 -5.72 -10.41 7.63
CA GLY A 21 -6.93 -9.62 7.30
C GLY A 21 -6.83 -8.90 5.96
N LYS A 22 -7.44 -7.74 5.94
CA LYS A 22 -7.24 -6.85 4.78
C LYS A 22 -6.86 -5.53 5.40
N TRP A 23 -6.28 -4.68 4.59
CA TRP A 23 -5.88 -3.37 5.03
C TRP A 23 -6.67 -2.30 4.27
N TYR A 24 -7.01 -1.21 4.98
CA TYR A 24 -7.60 0.00 4.43
C TYR A 24 -6.66 1.14 4.75
N VAL A 25 -6.39 2.00 3.78
CA VAL A 25 -5.52 3.15 4.04
C VAL A 25 -6.31 4.21 4.78
N THR A 26 -5.90 4.60 5.99
CA THR A 26 -6.59 5.66 6.64
C THR A 26 -5.92 7.02 6.42
N HIS A 27 -4.62 7.02 6.10
CA HIS A 27 -3.89 8.27 5.91
C HIS A 27 -2.82 8.01 4.90
N PHE A 28 -2.59 8.96 3.98
CA PHE A 28 -1.46 8.77 3.04
C PHE A 28 -0.65 10.06 2.90
N LEU A 29 0.64 9.90 2.67
CA LEU A 29 1.54 11.06 2.46
C LEU A 29 2.27 10.83 1.14
N ASP A 30 1.87 11.64 0.18
CA ASP A 30 2.39 11.48 -1.20
C ASP A 30 3.33 12.63 -1.48
N LYS A 31 4.57 12.32 -1.85
CA LYS A 31 5.67 13.30 -1.98
C LYS A 31 5.40 14.29 -3.10
N ASP A 32 5.07 13.76 -4.27
CA ASP A 32 4.92 14.57 -5.48
C ASP A 32 3.92 13.95 -6.44
N PRO A 33 2.64 14.16 -6.18
CA PRO A 33 1.59 13.83 -7.14
C PRO A 33 1.74 14.59 -8.45
N GLN A 34 2.19 13.89 -9.50
CA GLN A 34 1.53 13.98 -10.80
C GLN A 34 0.22 13.20 -10.81
N VAL A 35 -0.61 13.43 -9.80
CA VAL A 35 -2.02 13.70 -10.02
C VAL A 35 -2.64 14.43 -8.82
N THR A 36 -3.58 15.32 -9.10
CA THR A 36 -4.22 16.11 -8.05
C THR A 36 -5.40 15.37 -7.45
N ASP A 37 -5.97 14.44 -8.21
CA ASP A 37 -7.03 13.55 -7.69
C ASP A 37 -6.56 12.82 -6.43
N GLN A 38 -7.45 12.66 -5.48
CA GLN A 38 -7.06 11.92 -4.28
CA GLN A 38 -7.13 11.96 -4.24
C GLN A 38 -7.69 10.54 -4.31
N TYR A 39 -6.94 9.55 -3.82
CA TYR A 39 -7.39 8.17 -3.87
C TYR A 39 -7.60 7.57 -2.46
N CYS A 40 -8.50 6.61 -2.42
CA CYS A 40 -8.62 5.62 -1.36
C CYS A 40 -8.08 4.29 -1.84
N SER A 41 -7.63 3.45 -0.90
CA SER A 41 -7.08 2.17 -1.27
C SER A 41 -7.31 1.13 -0.19
N SER A 42 -7.49 -0.11 -0.64
CA SER A 42 -7.52 -1.27 0.23
C SER A 42 -6.83 -2.43 -0.45
N PHE A 43 -6.24 -3.33 0.32
CA PHE A 43 -5.52 -4.44 -0.28
C PHE A 43 -5.42 -5.61 0.69
N THR A 44 -5.18 -6.79 0.13
CA THR A 44 -5.17 -8.03 0.92
C THR A 44 -3.88 -8.80 0.64
N PRO A 45 -2.84 -8.63 1.50
CA PRO A 45 -1.55 -9.28 1.23
C PRO A 45 -1.46 -10.67 1.90
N ARG A 46 -0.98 -11.62 1.09
CA ARG A 46 -0.69 -12.95 1.61
C ARG A 46 0.69 -13.39 1.15
N GLU A 47 1.30 -14.22 1.98
CA GLU A 47 2.65 -14.65 1.69
C GLU A 47 2.76 -16.16 1.88
N SER A 48 3.58 -16.79 1.03
CA SER A 48 3.89 -18.24 1.13
C SER A 48 5.30 -18.50 0.62
N ASP A 49 6.16 -19.01 1.51
CA ASP A 49 7.52 -19.41 1.13
C ASP A 49 8.30 -18.27 0.48
N GLY A 50 8.06 -17.05 0.96
CA GLY A 50 8.79 -15.90 0.48
C GLY A 50 8.14 -15.16 -0.69
N THR A 51 7.09 -15.73 -1.25
CA THR A 51 6.36 -15.06 -2.35
C THR A 51 5.09 -14.39 -1.79
N VAL A 52 4.93 -13.12 -2.15
CA VAL A 52 3.81 -12.32 -1.70
C VAL A 52 2.89 -12.18 -2.90
N LYS A 53 1.60 -12.37 -2.67
CA LYS A 53 0.52 -12.15 -3.63
CA LYS A 53 0.62 -12.00 -3.69
C LYS A 53 -0.46 -11.17 -3.00
N GLU A 54 -0.87 -10.12 -3.69
CA GLU A 54 -1.84 -9.24 -3.03
C GLU A 54 -2.83 -8.64 -4.04
N ALA A 55 -4.08 -8.69 -3.71
CA ALA A 55 -5.15 -8.03 -4.49
C ALA A 55 -5.24 -6.60 -4.03
N LEU A 56 -5.21 -5.66 -4.99
CA LEU A 56 -5.00 -4.23 -4.67
C LEU A 56 -6.14 -3.45 -5.34
N TYR A 57 -6.77 -2.53 -4.63
CA TYR A 57 -7.88 -1.75 -5.09
C TYR A 57 -7.52 -0.25 -4.87
N HIS A 58 -7.83 0.58 -5.88
CA HIS A 58 -7.81 2.04 -5.77
C HIS A 58 -9.12 2.64 -6.18
N TYR A 59 -9.59 3.65 -5.41
CA TYR A 59 -10.77 4.44 -5.73
C TYR A 59 -10.43 5.87 -5.85
N ASN A 60 -10.69 6.46 -7.03
CA ASN A 60 -10.40 7.86 -7.29
C ASN A 60 -11.56 8.67 -6.70
N ALA A 61 -11.29 9.41 -5.64
CA ALA A 61 -12.37 10.05 -4.88
C ALA A 61 -12.97 11.27 -5.62
N ASN A 62 -12.21 11.81 -6.58
CA ASN A 62 -12.71 12.94 -7.42
C ASN A 62 -13.64 12.45 -8.51
N LYS A 63 -13.19 11.43 -9.22
CA LYS A 63 -13.90 10.91 -10.38
C LYS A 63 -14.89 9.84 -10.04
N LYS A 64 -14.65 9.23 -8.88
CA LYS A 64 -15.54 8.18 -8.33
C LYS A 64 -15.47 6.92 -9.19
N THR A 65 -14.26 6.60 -9.60
CA THR A 65 -13.98 5.42 -10.42
C THR A 65 -13.02 4.55 -9.65
N SER A 66 -12.98 3.26 -9.92
CA SER A 66 -12.01 2.41 -9.27
CA SER A 66 -12.10 2.33 -9.25
C SER A 66 -11.25 1.55 -10.25
N PHE A 67 -10.03 1.17 -9.86
CA PHE A 67 -9.20 0.28 -10.70
C PHE A 67 -8.57 -0.77 -9.78
N TYR A 68 -8.05 -1.83 -10.42
CA TYR A 68 -7.75 -3.08 -9.72
CA TYR A 68 -7.79 -3.11 -9.78
C TYR A 68 -6.47 -3.68 -10.21
N ASN A 69 -5.66 -4.25 -9.31
CA ASN A 69 -4.42 -4.87 -9.66
C ASN A 69 -4.14 -6.08 -8.76
N ILE A 70 -3.22 -6.92 -9.24
CA ILE A 70 -2.76 -8.05 -8.40
C ILE A 70 -1.25 -8.01 -8.37
N GLY A 71 -0.65 -7.80 -7.20
CA GLY A 71 0.81 -7.73 -7.18
C GLY A 71 1.45 -9.04 -6.79
N GLU A 72 2.66 -9.31 -7.29
CA GLU A 72 3.38 -10.54 -6.90
C GLU A 72 4.87 -10.22 -6.79
N GLY A 73 5.47 -10.54 -5.65
CA GLY A 73 6.90 -10.35 -5.55
C GLY A 73 7.47 -11.22 -4.49
N LYS A 74 8.76 -11.08 -4.26
CA LYS A 74 9.51 -11.92 -3.36
C LYS A 74 9.95 -11.12 -2.17
N LEU A 75 9.87 -11.69 -0.96
CA LEU A 75 10.48 -10.98 0.19
C LEU A 75 11.95 -10.85 0.06
N GLU A 76 12.46 -9.70 0.49
CA GLU A 76 13.91 -9.54 0.60
C GLU A 76 14.49 -10.29 1.77
N SER A 77 15.82 -10.40 1.79
CA SER A 77 16.50 -11.04 2.88
C SER A 77 16.51 -10.12 4.09
N SER A 78 16.11 -8.85 3.85
CA SER A 78 16.09 -7.72 4.81
C SER A 78 14.95 -7.85 5.85
N GLY A 79 13.89 -8.56 5.49
CA GLY A 79 12.69 -8.66 6.39
C GLY A 79 11.43 -8.43 5.55
N LEU A 80 10.50 -7.63 6.12
CA LEU A 80 9.20 -7.41 5.46
C LEU A 80 9.26 -6.28 4.41
N GLN A 81 9.84 -6.62 3.26
CA GLN A 81 10.05 -5.67 2.18
C GLN A 81 10.03 -6.53 0.93
N TYR A 82 9.32 -6.04 -0.09
CA TYR A 82 9.27 -6.77 -1.32
C TYR A 82 9.06 -5.85 -2.49
N THR A 83 9.67 -6.25 -3.62
CA THR A 83 9.36 -5.59 -4.88
C THR A 83 8.41 -6.46 -5.66
N ALA A 84 7.31 -5.88 -6.06
CA ALA A 84 6.25 -6.60 -6.76
C ALA A 84 6.06 -6.07 -8.15
N LYS A 85 5.91 -7.04 -9.06
CA LYS A 85 5.39 -6.70 -10.39
CA LYS A 85 5.40 -6.78 -10.41
C LYS A 85 3.89 -6.94 -10.27
N TYR A 86 3.11 -6.42 -11.21
CA TYR A 86 1.66 -6.43 -10.98
C TYR A 86 0.84 -6.62 -12.23
N LYS A 87 -0.22 -7.40 -12.11
CA LYS A 87 -1.21 -7.48 -13.17
C LYS A 87 -2.16 -6.34 -13.08
N THR A 88 -2.79 -5.97 -14.17
CA THR A 88 -3.94 -5.07 -14.23
C THR A 88 -5.17 -5.91 -14.56
N VAL A 89 -6.21 -5.83 -13.74
CA VAL A 89 -7.36 -6.67 -13.80
C VAL A 89 -8.66 -5.88 -13.78
N ASP A 90 -9.77 -6.53 -14.15
CA ASP A 90 -11.05 -5.88 -13.92
C ASP A 90 -11.62 -6.30 -12.55
N LYS A 91 -12.82 -5.89 -12.26
CA LYS A 91 -13.33 -6.12 -10.90
C LYS A 91 -13.57 -7.58 -10.59
N LYS A 92 -13.62 -8.41 -11.64
CA LYS A 92 -13.81 -9.84 -11.50
C LYS A 92 -12.45 -10.59 -11.55
N LYS A 93 -11.36 -9.84 -11.57
CA LYS A 93 -9.99 -10.39 -11.61
C LYS A 93 -9.59 -10.98 -12.97
N ALA A 94 -10.35 -10.69 -14.02
CA ALA A 94 -9.89 -11.04 -15.35
C ALA A 94 -8.71 -10.20 -15.73
N VAL A 95 -7.69 -10.83 -16.33
CA VAL A 95 -6.46 -10.08 -16.58
C VAL A 95 -6.61 -9.24 -17.85
N LEU A 96 -6.36 -7.93 -17.68
CA LEU A 96 -6.28 -6.93 -18.79
C LEU A 96 -4.86 -6.81 -19.30
N LYS A 97 -3.90 -6.74 -18.35
CA LYS A 97 -2.46 -6.82 -18.73
C LYS A 97 -1.72 -7.67 -17.71
N GLU A 98 -0.83 -8.57 -18.16
CA GLU A 98 -0.01 -9.36 -17.27
C GLU A 98 1.04 -8.45 -16.67
N ALA A 99 1.67 -8.96 -15.63
CA ALA A 99 2.78 -8.25 -15.01
C ALA A 99 3.88 -8.16 -16.06
N ASP A 100 4.68 -7.11 -15.99
CA ASP A 100 5.77 -7.05 -16.94
C ASP A 100 7.05 -6.82 -16.16
N GLU A 101 8.10 -6.49 -16.89
CA GLU A 101 9.39 -6.43 -16.24
C GLU A 101 9.81 -5.00 -16.02
N LYS A 102 9.03 -4.02 -16.48
CA LYS A 102 9.43 -2.61 -16.31
C LYS A 102 8.66 -1.88 -15.20
N ASN A 103 7.44 -2.35 -14.94
CA ASN A 103 6.55 -1.74 -13.91
C ASN A 103 6.63 -2.48 -12.58
N SER A 104 6.99 -1.79 -11.47
CA SER A 104 6.99 -2.50 -10.19
C SER A 104 6.75 -1.52 -9.07
N TYR A 105 6.44 -2.06 -7.88
CA TYR A 105 6.47 -1.22 -6.68
C TYR A 105 7.27 -1.94 -5.64
N THR A 106 7.88 -1.15 -4.75
CA THR A 106 8.58 -1.77 -3.62
C THR A 106 7.82 -1.31 -2.37
N LEU A 107 7.37 -2.30 -1.61
CA LEU A 107 6.64 -2.04 -0.37
C LEU A 107 7.53 -2.46 0.78
N THR A 108 7.62 -1.54 1.77
CA THR A 108 8.47 -1.78 2.94
C THR A 108 7.57 -1.55 4.17
N VAL A 109 7.54 -2.55 5.07
CA VAL A 109 6.73 -2.43 6.28
C VAL A 109 7.58 -1.79 7.39
N LEU A 110 7.12 -0.63 7.88
CA LEU A 110 7.82 0.12 8.90
C LEU A 110 7.26 -0.14 10.27
N GLU A 111 6.04 -0.61 10.39
CA GLU A 111 5.42 -1.03 11.69
C GLU A 111 4.22 -1.87 11.37
N ALA A 112 3.92 -2.88 12.20
CA ALA A 112 2.65 -3.62 12.02
C ALA A 112 2.30 -4.20 13.37
N ASP A 113 1.06 -4.05 13.81
CA ASP A 113 0.64 -4.68 15.02
C ASP A 113 -0.69 -5.35 14.78
N ASP A 114 -1.44 -5.69 15.85
CA ASP A 114 -2.66 -6.45 15.67
C ASP A 114 -3.75 -5.67 14.98
N SER A 115 -3.68 -4.34 14.97
CA SER A 115 -4.80 -3.59 14.36
C SER A 115 -4.40 -2.68 13.20
N SER A 116 -3.11 -2.38 13.05
CA SER A 116 -2.66 -1.23 12.27
C SER A 116 -1.27 -1.51 11.70
N ALA A 117 -0.90 -0.73 10.69
CA ALA A 117 0.40 -0.80 10.10
C ALA A 117 0.82 0.51 9.50
N LEU A 118 2.12 0.66 9.27
CA LEU A 118 2.67 1.80 8.52
C LEU A 118 3.55 1.19 7.43
N VAL A 119 3.28 1.50 6.17
CA VAL A 119 4.11 1.01 5.08
C VAL A 119 4.51 2.19 4.17
N HIS A 120 5.58 1.96 3.43
CA HIS A 120 6.09 2.85 2.40
C HIS A 120 6.06 2.09 1.07
N ILE A 121 5.61 2.84 0.06
CA ILE A 121 5.49 2.30 -1.31
C ILE A 121 6.26 3.21 -2.25
N CYS A 122 7.17 2.62 -3.02
CA CYS A 122 7.80 3.38 -4.14
C CYS A 122 7.39 2.69 -5.44
N LEU A 123 6.66 3.43 -6.25
CA LEU A 123 6.22 2.93 -7.53
C LEU A 123 7.20 3.36 -8.62
N ARG A 124 7.55 2.43 -9.50
CA ARG A 124 8.62 2.71 -10.51
C ARG A 124 8.18 2.24 -11.89
N GLU A 125 8.71 2.90 -12.91
CA GLU A 125 8.51 2.37 -14.27
C GLU A 125 9.87 2.58 -14.99
N GLY A 126 10.47 1.46 -15.39
CA GLY A 126 11.79 1.52 -16.05
C GLY A 126 12.75 2.22 -15.12
N SER A 127 13.44 3.26 -15.63
CA SER A 127 14.51 3.92 -14.86
C SER A 127 13.97 5.00 -13.91
N LYS A 128 12.65 5.21 -13.90
CA LYS A 128 12.03 6.36 -13.22
C LYS A 128 11.24 5.96 -12.02
N ASP A 129 11.45 6.71 -10.95
CA ASP A 129 10.60 6.57 -9.75
C ASP A 129 9.36 7.39 -10.05
N LEU A 130 8.17 6.80 -10.01
CA LEU A 130 6.91 7.53 -10.30
C LEU A 130 6.14 8.06 -9.11
N GLY A 131 6.33 7.43 -7.97
CA GLY A 131 5.55 7.84 -6.80
C GLY A 131 6.30 7.33 -5.60
N ASP A 132 6.17 8.06 -4.50
CA ASP A 132 6.60 7.66 -3.17
C ASP A 132 5.49 8.00 -2.20
N LEU A 133 5.08 6.98 -1.46
CA LEU A 133 3.89 7.12 -0.60
C LEU A 133 4.09 6.45 0.75
N TYR A 134 3.68 7.15 1.81
CA TYR A 134 3.56 6.48 3.08
C TYR A 134 2.08 6.28 3.36
N THR A 135 1.71 5.06 3.84
CA THR A 135 0.31 4.85 4.16
C THR A 135 0.16 4.24 5.54
N VAL A 136 -0.74 4.83 6.32
CA VAL A 136 -1.20 4.24 7.58
C VAL A 136 -2.36 3.33 7.22
N LEU A 137 -2.32 2.11 7.76
CA LEU A 137 -3.28 1.07 7.47
C LEU A 137 -4.02 0.59 8.72
N THR A 138 -5.29 0.25 8.57
CA THR A 138 -6.07 -0.39 9.61
C THR A 138 -6.89 -1.51 9.01
N HIS A 139 -7.41 -2.39 9.86
CA HIS A 139 -8.11 -3.55 9.38
C HIS A 139 -9.58 -3.39 9.10
N GLN A 140 -10.14 -2.26 9.52
CA GLN A 140 -11.54 -1.91 9.14
C GLN A 140 -11.55 -0.51 8.64
N LYS A 141 -12.51 -0.20 7.78
CA LYS A 141 -12.71 1.15 7.26
C LYS A 141 -12.81 2.13 8.45
N ASP A 142 -12.03 3.20 8.35
CA ASP A 142 -12.03 4.29 9.31
C ASP A 142 -11.80 3.89 10.78
N ALA A 143 -11.16 2.73 11.03
CA ALA A 143 -10.74 2.40 12.40
C ALA A 143 -9.60 3.33 12.83
N GLU A 144 -9.43 3.61 14.11
CA GLU A 144 -8.35 4.45 14.52
C GLU A 144 -7.05 3.69 14.47
N PRO A 145 -6.00 4.32 13.92
CA PRO A 145 -4.66 3.71 14.00
C PRO A 145 -4.17 3.63 15.46
N SER A 146 -3.38 2.60 15.71
CA SER A 146 -2.87 2.39 17.07
C SER A 146 -1.80 3.39 17.43
N ALA A 147 -1.62 3.54 18.77
CA ALA A 147 -0.60 4.40 19.31
C ALA A 147 0.75 4.00 18.79
N LYS A 148 1.00 2.69 18.67
CA LYS A 148 2.26 2.20 18.19
C LYS A 148 2.51 2.69 16.77
N VAL A 149 1.49 2.59 15.92
CA VAL A 149 1.65 3.09 14.56
C VAL A 149 1.79 4.62 14.44
N LYS A 150 1.10 5.36 15.31
CA LYS A 150 1.28 6.83 15.32
C LYS A 150 2.70 7.17 15.77
N SER A 151 3.22 6.41 16.75
CA SER A 151 4.62 6.62 17.14
CA SER A 151 4.61 6.59 17.15
C SER A 151 5.58 6.33 15.98
N ALA A 152 5.29 5.30 15.16
CA ALA A 152 6.12 4.92 14.03
C ALA A 152 6.13 6.01 12.97
N VAL A 153 5.02 6.73 12.80
CA VAL A 153 4.99 7.89 11.90
C VAL A 153 5.99 8.93 12.38
N THR A 154 5.91 9.31 13.66
CA THR A 154 6.80 10.30 14.23
C THR A 154 8.26 9.84 14.09
N GLN A 155 8.48 8.54 14.29
CA GLN A 155 9.81 7.90 14.18
C GLN A 155 10.32 7.81 12.72
N ALA A 156 9.39 7.85 11.75
CA ALA A 156 9.80 7.90 10.34
C ALA A 156 10.28 9.31 9.95
N GLY A 157 10.29 10.26 10.91
CA GLY A 157 10.53 11.72 10.60
C GLY A 157 9.34 12.50 10.04
N LEU A 158 8.11 11.98 10.21
CA LEU A 158 6.93 12.54 9.56
C LEU A 158 5.98 13.15 10.58
N GLN A 159 4.99 13.90 10.10
CA GLN A 159 3.93 14.48 10.90
C GLN A 159 2.62 13.90 10.40
N LEU A 160 1.94 13.16 11.22
CA LEU A 160 0.70 12.54 10.80
C LEU A 160 -0.30 13.56 10.30
N SER A 161 -0.35 14.75 10.89
CA SER A 161 -1.35 15.70 10.48
C SER A 161 -1.14 16.19 9.05
N GLN A 162 0.06 15.97 8.51
CA GLN A 162 0.34 16.38 7.10
C GLN A 162 -0.06 15.34 6.09
N PHE A 163 -0.43 14.17 6.55
CA PHE A 163 -1.02 13.17 5.65
C PHE A 163 -2.42 13.58 5.30
N VAL A 164 -2.89 13.06 4.18
CA VAL A 164 -4.31 13.21 3.83
C VAL A 164 -5.08 12.07 4.58
N GLY A 165 -6.08 12.42 5.39
CA GLY A 165 -6.95 11.40 6.00
C GLY A 165 -8.03 11.02 4.99
N THR A 166 -8.17 9.73 4.72
CA THR A 166 -9.14 9.28 3.72
C THR A 166 -10.60 9.29 4.19
N LYS A 167 -10.89 9.37 5.49
CA LYS A 167 -12.33 9.40 5.90
C LYS A 167 -13.16 10.47 5.15
N ASP A 168 -12.55 11.65 5.06
CA ASP A 168 -13.21 12.80 4.44
C ASP A 168 -13.40 12.71 2.95
N LEU A 169 -12.92 11.64 2.32
CA LEU A 169 -12.94 11.61 0.88
C LEU A 169 -14.21 10.94 0.27
N GLY A 170 -15.09 10.40 1.10
CA GLY A 170 -16.27 9.69 0.62
C GLY A 170 -15.82 8.41 -0.06
N CYS A 171 -14.84 7.77 0.50
CA CYS A 171 -14.30 6.53 -0.12
C CYS A 171 -15.38 5.50 -0.36
N GLN A 172 -15.26 4.76 -1.44
CA GLN A 172 -16.03 3.55 -1.62
C GLN A 172 -15.05 2.40 -1.80
N TYR A 173 -15.36 1.25 -1.24
CA TYR A 173 -14.50 0.08 -1.27
C TYR A 173 -15.25 -1.00 -1.97
N ASP A 174 -14.53 -2.01 -2.43
CA ASP A 174 -15.11 -3.20 -3.06
C ASP A 174 -14.54 -4.35 -2.22
N ASP A 175 -15.29 -4.67 -1.19
CA ASP A 175 -14.85 -5.72 -0.27
C ASP A 175 -14.96 -7.08 -0.87
N GLN A 176 -15.81 -7.23 -1.89
CA GLN A 176 -15.82 -8.48 -2.65
C GLN A 176 -14.49 -8.74 -3.37
N PHE A 177 -13.99 -7.72 -4.04
CA PHE A 177 -12.72 -7.87 -4.78
C PHE A 177 -11.55 -8.23 -3.82
N THR A 178 -11.52 -7.57 -2.67
CA THR A 178 -10.39 -7.83 -1.75
C THR A 178 -10.61 -9.04 -0.84
N SER A 179 -11.76 -9.72 -0.98
CA SER A 179 -11.91 -10.99 -0.31
C SER A 179 -11.16 -12.09 -1.01
N LEU A 180 -10.45 -12.82 -0.16
CA LEU A 180 -9.42 -13.78 -0.52
C LEU A 180 -8.09 -13.03 -0.85
C CYN B . 0.49 4.31 -5.31
N CYN B . 1.54 4.65 -5.18
CHA HEM C . -1.21 3.84 -9.01
CHB HEM C . -2.23 6.93 -5.43
CHC HEM C . -2.24 3.09 -2.43
CHD HEM C . 0.27 0.58 -5.74
C1A HEM C . -1.52 5.01 -8.36
C2A HEM C . -1.82 6.29 -8.91
C3A HEM C . -2.08 7.13 -7.92
C4A HEM C . -1.98 6.39 -6.68
CMA HEM C . -2.43 8.63 -8.01
CAA HEM C . -1.82 6.59 -10.43
CBA HEM C . -3.19 6.34 -11.09
CGA HEM C . -3.13 6.70 -12.60
O1A HEM C . -3.32 7.86 -12.93
O2A HEM C . -2.91 5.78 -13.40
C1B HEM C . -2.38 6.11 -4.32
C2B HEM C . -2.93 6.54 -3.05
C3B HEM C . -2.98 5.46 -2.24
C4B HEM C . -2.47 4.31 -2.95
CMB HEM C . -3.31 7.94 -2.67
CAB HEM C . -3.46 5.33 -0.81
CBB HEM C . -4.56 6.00 -0.40
C1C HEM C . -1.46 2.08 -3.02
C2C HEM C . -0.99 0.85 -2.42
C3C HEM C . -0.25 0.22 -3.31
C4C HEM C . -0.29 0.97 -4.52
CMC HEM C . -1.28 0.46 -0.99
CAC HEM C . 0.49 -1.10 -3.21
CBC HEM C . 0.32 -2.09 -2.34
C1D HEM C . 0.01 1.19 -6.95
C2D HEM C . 0.28 0.60 -8.24
C3D HEM C . -0.21 1.59 -9.19
C4D HEM C . -0.69 2.71 -8.50
CMD HEM C . 0.90 -0.76 -8.52
CAD HEM C . -0.05 1.51 -10.69
CBD HEM C . -1.39 1.19 -11.30
CGD HEM C . -1.22 1.34 -12.85
O1D HEM C . -0.19 1.77 -13.47
O2D HEM C . -2.17 1.06 -13.55
NA HEM C . -1.64 5.09 -6.95
NB HEM C . -2.12 4.77 -4.23
NC HEM C . -0.98 2.11 -4.31
ND HEM C . -0.61 2.42 -7.13
FE HEM C . -1.33 3.58 -5.65
#